data_2I1L
#
_entry.id   2I1L
#
_cell.length_a   95.187
_cell.length_b   117.647
_cell.length_c   79.270
_cell.angle_alpha   90.00
_cell.angle_beta   126.79
_cell.angle_gamma   90.00
#
_symmetry.space_group_name_H-M   'C 1 2 1'
#
loop_
_entity.id
_entity.type
_entity.pdbx_description
1 polymer 'Riboflavin kinase/FMN adenylyltransferase'
2 water water
#
_entity_poly.entity_id   1
_entity_poly.type   'polypeptide(L)'
_entity_poly.pdbx_seq_one_letter_code
;(MSE)VVSIGVFDGVHIGHQKVLRT(MSE)KEIAFFRKDDSLIYTISYPPEYFLPDFPGLL(MSE)TVESRVE(MSE)LS
RYARTVVLDFFRIKDLTPEGFVERYLSGVSAVVVGRDFRFGKNASGNASFLRKKGVEVYEIEDVVVQGKRVSSSLIRNLV
QEGRVEEIPAYLGRYFEIEGIVHKDREFGRKLGFPTANIDRGNEKLVDLKRGVYLVRVHLPDGKKKFGV(MSE)NVGFRP
TVGDARNVKYEVYILDFEGDLYGQRLKLEVLKF(MSE)RDEKKFDSIEELKAAIDQDVKSARN(MSE)IDDIINSKFEKE
G
;
_entity_poly.pdbx_strand_id   A,B
#
# COMPACT_ATOMS: atom_id res chain seq x y z
N VAL A 2 -36.34 -1.49 0.76
CA VAL A 2 -35.74 -2.34 -0.31
C VAL A 2 -35.06 -3.59 0.28
N VAL A 3 -34.98 -4.64 -0.53
CA VAL A 3 -34.38 -5.90 -0.08
C VAL A 3 -33.55 -6.62 -1.15
N SER A 4 -32.49 -7.27 -0.70
CA SER A 4 -31.61 -8.07 -1.56
C SER A 4 -31.67 -9.52 -1.05
N ILE A 5 -31.98 -10.48 -1.94
CA ILE A 5 -32.08 -11.87 -1.53
C ILE A 5 -30.99 -12.77 -2.13
N GLY A 6 -30.35 -13.58 -1.30
CA GLY A 6 -29.32 -14.47 -1.83
C GLY A 6 -28.53 -15.27 -0.82
N VAL A 7 -27.51 -15.97 -1.32
CA VAL A 7 -26.64 -16.78 -0.48
C VAL A 7 -25.51 -15.91 0.03
N PHE A 8 -24.77 -15.35 -0.92
CA PHE A 8 -23.65 -14.49 -0.60
C PHE A 8 -22.54 -15.26 0.08
N ASP A 9 -22.23 -16.47 -0.40
CA ASP A 9 -21.13 -17.19 0.22
C ASP A 9 -19.87 -16.45 -0.21
N GLY A 10 -19.14 -15.94 0.77
CA GLY A 10 -17.95 -15.18 0.47
C GLY A 10 -18.18 -13.68 0.44
N VAL A 11 -19.36 -13.26 0.00
CA VAL A 11 -19.67 -11.85 -0.17
C VAL A 11 -18.50 -11.30 -0.97
N HIS A 12 -18.35 -11.85 -2.18
CA HIS A 12 -17.29 -11.47 -3.08
C HIS A 12 -17.67 -10.26 -3.96
N ILE A 13 -16.73 -9.83 -4.80
CA ILE A 13 -16.89 -8.70 -5.70
C ILE A 13 -18.26 -8.67 -6.38
N GLY A 14 -18.76 -9.86 -6.75
CA GLY A 14 -20.07 -9.93 -7.38
C GLY A 14 -21.20 -9.69 -6.40
N HIS A 15 -21.02 -10.12 -5.17
CA HIS A 15 -22.04 -9.93 -4.15
C HIS A 15 -22.10 -8.45 -3.77
N GLN A 16 -20.93 -7.84 -3.62
CA GLN A 16 -20.84 -6.44 -3.27
C GLN A 16 -21.61 -5.61 -4.29
N LYS A 17 -21.34 -5.86 -5.57
CA LYS A 17 -22.02 -5.13 -6.64
C LYS A 17 -23.53 -5.13 -6.38
N VAL A 18 -24.04 -6.25 -5.89
CA VAL A 18 -25.47 -6.41 -5.59
C VAL A 18 -25.93 -5.61 -4.36
N LEU A 19 -25.06 -5.53 -3.37
CA LEU A 19 -25.35 -4.83 -2.14
C LEU A 19 -25.25 -3.31 -2.21
N ARG A 20 -24.28 -2.82 -3.00
CA ARG A 20 -24.10 -1.40 -3.20
C ARG A 20 -25.29 -0.85 -3.96
N THR A 21 -25.77 -1.61 -4.94
CA THR A 21 -26.92 -1.20 -5.72
C THR A 21 -28.15 -1.09 -4.83
N MSE A 22 -28.25 -1.99 -3.84
CA MSE A 22 -29.39 -1.94 -2.95
C MSE A 22 -29.33 -0.61 -2.19
O MSE A 22 -30.31 0.12 -2.11
CB MSE A 22 -29.34 -3.09 -1.95
CG MSE A 22 -30.40 -3.03 -0.90
SE MSE A 22 -29.94 -4.11 0.65
CE MSE A 22 -28.13 -3.55 0.99
N LYS A 23 -28.15 -0.33 -1.65
CA LYS A 23 -27.94 0.89 -0.90
C LYS A 23 -28.20 2.15 -1.71
N GLU A 24 -27.83 2.12 -2.98
CA GLU A 24 -28.03 3.25 -3.87
C GLU A 24 -29.51 3.51 -4.05
N ILE A 25 -30.27 2.43 -4.24
CA ILE A 25 -31.71 2.53 -4.40
C ILE A 25 -32.35 3.02 -3.12
N ALA A 26 -31.91 2.47 -1.99
CA ALA A 26 -32.47 2.90 -0.71
C ALA A 26 -32.28 4.40 -0.52
N PHE A 27 -31.07 4.89 -0.79
CA PHE A 27 -30.75 6.31 -0.64
C PHE A 27 -31.67 7.29 -1.38
N PHE A 28 -31.97 6.98 -2.64
CA PHE A 28 -32.82 7.80 -3.47
C PHE A 28 -34.30 7.60 -3.22
N ARG A 29 -34.62 6.90 -2.14
CA ARG A 29 -36.00 6.66 -1.82
C ARG A 29 -36.12 6.86 -0.33
N LYS A 30 -35.04 7.27 0.31
CA LYS A 30 -35.05 7.44 1.75
C LYS A 30 -35.78 6.23 2.30
N ASP A 31 -35.56 5.10 1.65
CA ASP A 31 -36.19 3.84 2.03
C ASP A 31 -35.26 3.09 2.96
N ASP A 32 -35.79 2.05 3.60
CA ASP A 32 -34.99 1.25 4.52
C ASP A 32 -34.33 0.06 3.81
N SER A 33 -33.33 -0.53 4.46
CA SER A 33 -32.59 -1.66 3.88
C SER A 33 -32.63 -2.96 4.68
N LEU A 34 -32.78 -4.05 3.95
CA LEU A 34 -32.82 -5.36 4.57
C LEU A 34 -32.23 -6.44 3.67
N ILE A 35 -31.26 -7.18 4.21
CA ILE A 35 -30.67 -8.27 3.43
C ILE A 35 -31.19 -9.64 3.90
N TYR A 36 -31.77 -10.39 2.97
CA TYR A 36 -32.21 -11.75 3.28
C TYR A 36 -31.15 -12.72 2.73
N THR A 37 -30.44 -13.40 3.63
CA THR A 37 -29.42 -14.38 3.23
C THR A 37 -29.80 -15.86 3.51
N ILE A 38 -30.10 -16.60 2.43
CA ILE A 38 -30.42 -18.03 2.53
C ILE A 38 -29.20 -18.71 3.15
N SER A 39 -29.39 -19.43 4.24
CA SER A 39 -28.28 -20.09 4.93
C SER A 39 -27.36 -20.99 4.09
N TYR A 40 -27.93 -21.83 3.23
CA TYR A 40 -27.13 -22.75 2.42
C TYR A 40 -27.60 -22.88 0.99
N PRO A 41 -26.65 -22.95 0.06
CA PRO A 41 -27.01 -23.11 -1.35
C PRO A 41 -27.62 -24.52 -1.54
N PRO A 42 -28.33 -24.73 -2.66
CA PRO A 42 -28.97 -26.02 -2.98
C PRO A 42 -28.12 -27.30 -3.01
N GLU A 43 -26.82 -27.18 -3.30
CA GLU A 43 -25.99 -28.37 -3.36
C GLU A 43 -25.15 -28.54 -2.11
N TYR A 44 -25.47 -27.78 -1.06
CA TYR A 44 -24.71 -27.85 0.17
C TYR A 44 -24.60 -29.27 0.70
N PHE A 45 -25.69 -30.02 0.61
CA PHE A 45 -25.70 -31.37 1.12
C PHE A 45 -25.12 -32.46 0.25
N LEU A 46 -24.96 -32.20 -1.04
CA LEU A 46 -24.38 -33.17 -1.94
C LEU A 46 -22.97 -33.59 -1.43
N PRO A 47 -22.57 -34.85 -1.69
CA PRO A 47 -21.26 -35.37 -1.25
C PRO A 47 -20.12 -34.69 -1.99
N ASP A 48 -20.44 -34.13 -3.15
CA ASP A 48 -19.46 -33.46 -3.98
C ASP A 48 -19.38 -31.94 -3.74
N PHE A 49 -19.89 -31.44 -2.61
CA PHE A 49 -19.85 -30.01 -2.36
C PHE A 49 -18.53 -29.62 -1.72
N PRO A 50 -17.79 -28.71 -2.36
CA PRO A 50 -16.49 -28.21 -1.87
C PRO A 50 -16.58 -27.61 -0.48
N GLY A 51 -17.68 -26.92 -0.21
CA GLY A 51 -17.84 -26.29 1.10
C GLY A 51 -17.89 -24.78 1.00
N LEU A 52 -18.47 -24.14 2.03
CA LEU A 52 -18.61 -22.69 2.10
C LEU A 52 -17.29 -21.95 2.41
N LEU A 53 -17.09 -20.81 1.77
CA LEU A 53 -15.90 -19.99 2.01
C LEU A 53 -15.78 -19.56 3.47
N MSE A 54 -16.92 -19.44 4.14
CA MSE A 54 -16.96 -18.98 5.54
C MSE A 54 -18.27 -19.46 6.17
O MSE A 54 -19.20 -19.80 5.46
CB MSE A 54 -16.89 -17.46 5.56
CG MSE A 54 -17.81 -16.79 4.52
SE MSE A 54 -17.75 -14.84 4.57
CE MSE A 54 -15.98 -14.63 5.35
N THR A 55 -18.33 -19.46 7.49
CA THR A 55 -19.55 -19.88 8.19
C THR A 55 -20.66 -18.86 8.02
N VAL A 56 -21.91 -19.28 8.24
CA VAL A 56 -23.03 -18.36 8.09
C VAL A 56 -22.81 -17.18 9.05
N GLU A 57 -22.24 -17.48 10.20
CA GLU A 57 -21.98 -16.45 11.21
C GLU A 57 -21.06 -15.37 10.62
N SER A 58 -19.87 -15.78 10.16
CA SER A 58 -18.93 -14.84 9.58
C SER A 58 -19.57 -14.08 8.43
N ARG A 59 -20.30 -14.80 7.60
CA ARG A 59 -20.97 -14.22 6.44
C ARG A 59 -21.87 -13.09 6.86
N VAL A 60 -22.52 -13.29 8.00
CA VAL A 60 -23.46 -12.34 8.54
C VAL A 60 -22.73 -11.13 9.09
N GLU A 61 -21.59 -11.33 9.75
CA GLU A 61 -20.84 -10.20 10.28
C GLU A 61 -20.44 -9.28 9.14
N MSE A 62 -20.25 -9.85 7.95
CA MSE A 62 -19.88 -9.02 6.80
C MSE A 62 -21.07 -8.35 6.15
O MSE A 62 -21.08 -7.14 5.96
CB MSE A 62 -19.13 -9.84 5.76
CG MSE A 62 -17.64 -9.86 5.99
SE MSE A 62 -16.78 -10.89 4.58
CE MSE A 62 -17.36 -9.83 3.06
N LEU A 63 -22.10 -9.14 5.81
CA LEU A 63 -23.27 -8.56 5.21
C LEU A 63 -23.79 -7.43 6.09
N SER A 64 -23.47 -7.49 7.37
CA SER A 64 -23.90 -6.49 8.34
C SER A 64 -23.43 -5.07 8.07
N ARG A 65 -22.17 -4.92 7.66
CA ARG A 65 -21.62 -3.60 7.35
C ARG A 65 -22.13 -3.15 5.99
N TYR A 66 -23.42 -3.40 5.74
CA TYR A 66 -24.11 -3.05 4.51
C TYR A 66 -25.60 -2.79 4.78
N ALA A 67 -26.14 -3.43 5.83
CA ALA A 67 -27.56 -3.28 6.19
C ALA A 67 -27.95 -4.38 7.15
N ARG A 68 -29.05 -4.18 7.88
CA ARG A 68 -29.54 -5.19 8.79
C ARG A 68 -29.66 -6.49 7.97
N THR A 69 -29.23 -7.62 8.52
CA THR A 69 -29.33 -8.88 7.78
C THR A 69 -30.05 -10.01 8.52
N VAL A 70 -30.98 -10.66 7.83
CA VAL A 70 -31.70 -11.78 8.40
C VAL A 70 -31.36 -13.03 7.59
N VAL A 71 -31.17 -14.15 8.30
CA VAL A 71 -30.85 -15.42 7.67
C VAL A 71 -32.12 -16.19 7.35
N LEU A 72 -32.34 -16.51 6.08
CA LEU A 72 -33.51 -17.31 5.71
C LEU A 72 -33.11 -18.75 5.76
N ASP A 73 -33.66 -19.48 6.72
CA ASP A 73 -33.36 -20.90 6.89
C ASP A 73 -33.73 -21.80 5.70
N PHE A 74 -32.69 -22.40 5.12
CA PHE A 74 -32.78 -23.31 3.98
C PHE A 74 -33.98 -24.27 3.94
N PHE A 75 -34.29 -24.86 5.09
CA PHE A 75 -35.40 -25.79 5.21
C PHE A 75 -36.73 -25.06 5.36
N ARG A 76 -36.75 -24.03 6.20
CA ARG A 76 -37.96 -23.27 6.44
C ARG A 76 -38.50 -22.58 5.18
N ILE A 77 -37.82 -22.78 4.04
CA ILE A 77 -38.25 -22.16 2.79
C ILE A 77 -38.11 -22.98 1.52
N LYS A 78 -37.34 -24.07 1.56
CA LYS A 78 -37.15 -24.87 0.34
C LYS A 78 -38.43 -25.59 -0.11
N ASP A 79 -39.50 -25.49 0.68
CA ASP A 79 -40.76 -26.13 0.35
C ASP A 79 -41.90 -25.12 0.15
N LEU A 80 -41.56 -23.86 -0.13
CA LEU A 80 -42.60 -22.84 -0.31
C LEU A 80 -42.89 -22.51 -1.77
N THR A 81 -44.15 -22.23 -2.06
CA THR A 81 -44.56 -21.83 -3.39
C THR A 81 -44.27 -20.33 -3.44
N PRO A 82 -44.09 -19.76 -4.64
CA PRO A 82 -43.82 -18.33 -4.71
C PRO A 82 -44.72 -17.49 -3.81
N GLU A 83 -46.04 -17.67 -3.95
CA GLU A 83 -47.00 -16.93 -3.12
C GLU A 83 -46.56 -17.03 -1.66
N GLY A 84 -46.24 -18.24 -1.24
CA GLY A 84 -45.81 -18.47 0.13
C GLY A 84 -44.60 -17.65 0.54
N PHE A 85 -43.59 -17.62 -0.32
CA PHE A 85 -42.37 -16.86 -0.03
C PHE A 85 -42.71 -15.38 -0.09
N VAL A 86 -43.13 -14.91 -1.25
CA VAL A 86 -43.49 -13.51 -1.38
C VAL A 86 -44.38 -13.08 -0.21
N GLU A 87 -45.42 -13.87 0.04
CA GLU A 87 -46.38 -13.61 1.10
C GLU A 87 -45.84 -13.63 2.53
N ARG A 88 -44.64 -14.16 2.72
CA ARG A 88 -44.11 -14.23 4.09
C ARG A 88 -42.89 -13.38 4.44
N TYR A 89 -42.01 -13.13 3.48
CA TYR A 89 -40.83 -12.33 3.78
C TYR A 89 -40.77 -11.06 2.94
N LEU A 90 -41.50 -11.07 1.83
CA LEU A 90 -41.52 -9.97 0.87
C LEU A 90 -42.74 -9.03 0.89
N SER A 91 -43.48 -8.98 1.99
CA SER A 91 -44.64 -8.09 2.04
C SER A 91 -44.24 -6.72 2.59
N GLY A 92 -44.82 -5.68 2.00
CA GLY A 92 -44.52 -4.32 2.38
C GLY A 92 -43.26 -3.91 1.64
N VAL A 93 -42.72 -4.88 0.89
CA VAL A 93 -41.52 -4.69 0.12
C VAL A 93 -41.91 -4.21 -1.25
N SER A 94 -41.28 -3.14 -1.72
CA SER A 94 -41.62 -2.65 -3.04
C SER A 94 -40.50 -2.92 -4.03
N ALA A 95 -39.31 -3.21 -3.49
CA ALA A 95 -38.15 -3.47 -4.34
C ALA A 95 -37.18 -4.56 -3.83
N VAL A 96 -36.70 -5.40 -4.73
CA VAL A 96 -35.75 -6.43 -4.37
C VAL A 96 -34.58 -6.41 -5.35
N VAL A 97 -33.37 -6.57 -4.83
CA VAL A 97 -32.18 -6.57 -5.66
C VAL A 97 -31.59 -7.97 -5.65
N VAL A 98 -31.39 -8.56 -6.82
CA VAL A 98 -30.84 -9.92 -6.88
C VAL A 98 -29.98 -10.14 -8.10
N GLY A 99 -29.06 -11.12 -8.01
CA GLY A 99 -28.17 -11.45 -9.11
C GLY A 99 -28.86 -11.96 -10.37
N ARG A 100 -28.12 -12.02 -11.48
CA ARG A 100 -28.66 -12.47 -12.78
C ARG A 100 -29.90 -13.34 -12.71
N ASP A 101 -29.69 -14.63 -12.87
CA ASP A 101 -30.76 -15.61 -12.83
C ASP A 101 -30.85 -16.08 -11.39
N PHE A 102 -31.99 -15.81 -10.76
CA PHE A 102 -32.19 -16.13 -9.36
C PHE A 102 -33.51 -16.87 -9.16
N ARG A 103 -33.47 -17.89 -8.31
CA ARG A 103 -34.64 -18.73 -8.03
C ARG A 103 -34.85 -18.81 -6.53
N PHE A 104 -36.01 -19.29 -6.08
CA PHE A 104 -36.25 -19.37 -4.64
C PHE A 104 -37.37 -20.25 -4.08
N GLY A 105 -38.21 -20.84 -4.93
CA GLY A 105 -39.28 -21.67 -4.38
C GLY A 105 -39.25 -23.14 -4.76
N LYS A 106 -40.31 -23.86 -4.38
CA LYS A 106 -40.43 -25.29 -4.68
C LYS A 106 -40.04 -25.59 -6.12
N ASN A 107 -39.18 -26.60 -6.29
CA ASN A 107 -38.74 -27.00 -7.61
C ASN A 107 -38.04 -25.82 -8.30
N ALA A 108 -37.49 -24.94 -7.47
CA ALA A 108 -36.78 -23.75 -7.96
C ALA A 108 -37.59 -22.92 -8.95
N SER A 109 -38.91 -22.86 -8.76
CA SER A 109 -39.76 -22.09 -9.66
C SER A 109 -40.11 -20.73 -9.07
N GLY A 110 -39.10 -19.87 -8.96
CA GLY A 110 -39.29 -18.53 -8.42
C GLY A 110 -38.28 -17.66 -9.14
N ASN A 111 -38.64 -16.41 -9.44
CA ASN A 111 -37.71 -15.56 -10.16
C ASN A 111 -38.16 -14.10 -10.32
N ALA A 112 -37.37 -13.34 -11.05
CA ALA A 112 -37.65 -11.94 -11.31
C ALA A 112 -39.05 -11.85 -11.92
N SER A 113 -39.19 -12.39 -13.12
CA SER A 113 -40.46 -12.36 -13.84
C SER A 113 -41.67 -12.60 -12.94
N PHE A 114 -41.61 -13.63 -12.08
CA PHE A 114 -42.73 -13.89 -11.19
C PHE A 114 -42.93 -12.74 -10.22
N LEU A 115 -41.83 -12.32 -9.58
CA LEU A 115 -41.82 -11.21 -8.63
C LEU A 115 -42.48 -9.97 -9.21
N ARG A 116 -42.25 -9.75 -10.50
CA ARG A 116 -42.81 -8.60 -11.20
C ARG A 116 -44.33 -8.73 -11.38
N LYS A 117 -44.80 -9.96 -11.58
CA LYS A 117 -46.23 -10.20 -11.76
C LYS A 117 -47.01 -9.94 -10.47
N LYS A 118 -46.32 -9.90 -9.35
CA LYS A 118 -46.96 -9.67 -8.05
C LYS A 118 -46.74 -8.26 -7.49
N GLY A 119 -46.47 -7.30 -8.37
CA GLY A 119 -46.26 -5.93 -7.95
C GLY A 119 -44.94 -5.61 -7.26
N VAL A 120 -43.92 -6.43 -7.49
CA VAL A 120 -42.62 -6.21 -6.87
C VAL A 120 -41.59 -5.76 -7.90
N GLU A 121 -40.89 -4.67 -7.61
CA GLU A 121 -39.87 -4.17 -8.53
C GLU A 121 -38.57 -4.96 -8.36
N VAL A 122 -38.07 -5.49 -9.46
CA VAL A 122 -36.86 -6.30 -9.39
C VAL A 122 -35.68 -5.76 -10.17
N TYR A 123 -34.55 -5.69 -9.47
CA TYR A 123 -33.31 -5.23 -10.07
C TYR A 123 -32.36 -6.41 -10.18
N GLU A 124 -32.14 -6.86 -11.42
CA GLU A 124 -31.25 -7.97 -11.69
C GLU A 124 -29.86 -7.40 -11.96
N ILE A 125 -28.92 -7.71 -11.10
CA ILE A 125 -27.55 -7.22 -11.27
C ILE A 125 -26.74 -8.22 -12.09
N GLU A 126 -26.08 -7.72 -13.13
CA GLU A 126 -25.28 -8.57 -13.98
C GLU A 126 -24.03 -9.03 -13.23
N ASP A 127 -23.46 -10.16 -13.66
CA ASP A 127 -22.27 -10.70 -13.02
C ASP A 127 -21.04 -9.82 -13.24
N VAL A 128 -20.11 -9.85 -12.29
CA VAL A 128 -18.90 -9.08 -12.42
C VAL A 128 -17.85 -10.01 -13.03
N VAL A 129 -17.30 -9.61 -14.16
CA VAL A 129 -16.29 -10.41 -14.80
C VAL A 129 -14.92 -9.90 -14.36
N VAL A 130 -14.08 -10.80 -13.86
CA VAL A 130 -12.72 -10.46 -13.44
C VAL A 130 -11.82 -11.30 -14.33
N GLN A 131 -10.86 -10.66 -14.99
CA GLN A 131 -9.99 -11.39 -15.91
C GLN A 131 -11.05 -11.88 -16.91
N GLY A 132 -11.06 -13.14 -17.31
CA GLY A 132 -12.10 -13.52 -18.27
C GLY A 132 -13.19 -14.41 -17.72
N LYS A 133 -13.39 -14.38 -16.41
CA LYS A 133 -14.39 -15.24 -15.80
C LYS A 133 -15.41 -14.56 -14.91
N ARG A 134 -16.55 -15.21 -14.74
CA ARG A 134 -17.63 -14.71 -13.89
C ARG A 134 -17.27 -14.93 -12.42
N VAL A 135 -17.12 -13.87 -11.66
CA VAL A 135 -16.83 -14.08 -10.26
C VAL A 135 -17.96 -14.96 -9.72
N SER A 136 -17.59 -15.97 -8.91
CA SER A 136 -18.57 -16.88 -8.32
C SER A 136 -17.93 -17.59 -7.14
N SER A 137 -18.77 -18.07 -6.23
CA SER A 137 -18.29 -18.77 -5.07
C SER A 137 -17.57 -20.07 -5.41
N SER A 138 -17.95 -20.70 -6.52
CA SER A 138 -17.32 -21.95 -6.94
C SER A 138 -15.88 -21.73 -7.40
N LEU A 139 -15.70 -20.71 -8.23
CA LEU A 139 -14.37 -20.36 -8.72
C LEU A 139 -13.45 -20.13 -7.54
N ILE A 140 -13.89 -19.39 -6.55
CA ILE A 140 -13.03 -19.13 -5.38
C ILE A 140 -12.88 -20.41 -4.58
N ARG A 141 -13.91 -21.23 -4.65
CA ARG A 141 -13.93 -22.50 -3.95
C ARG A 141 -12.83 -23.40 -4.58
N ASN A 142 -12.74 -23.42 -5.89
CA ASN A 142 -11.69 -24.23 -6.52
C ASN A 142 -10.29 -23.67 -6.25
N LEU A 143 -10.15 -22.34 -6.34
CA LEU A 143 -8.88 -21.69 -6.08
C LEU A 143 -8.37 -22.03 -4.68
N VAL A 144 -9.30 -22.20 -3.74
CA VAL A 144 -8.92 -22.53 -2.36
C VAL A 144 -8.37 -23.94 -2.24
N GLN A 145 -9.05 -24.90 -2.88
CA GLN A 145 -8.62 -26.29 -2.80
C GLN A 145 -7.30 -26.47 -3.52
N GLU A 146 -7.19 -25.81 -4.68
CA GLU A 146 -5.96 -25.85 -5.46
C GLU A 146 -4.85 -25.06 -4.76
N GLY A 147 -5.18 -24.44 -3.63
CA GLY A 147 -4.18 -23.69 -2.88
C GLY A 147 -3.69 -22.40 -3.51
N ARG A 148 -4.33 -21.98 -4.59
CA ARG A 148 -3.96 -20.78 -5.31
C ARG A 148 -4.43 -19.50 -4.59
N VAL A 149 -4.11 -19.37 -3.31
CA VAL A 149 -4.53 -18.22 -2.53
C VAL A 149 -4.21 -16.84 -3.12
N GLU A 150 -2.96 -16.63 -3.54
CA GLU A 150 -2.54 -15.35 -4.14
C GLU A 150 -3.51 -14.85 -5.19
N GLU A 151 -4.20 -15.75 -5.86
CA GLU A 151 -5.11 -15.31 -6.90
C GLU A 151 -6.53 -15.10 -6.41
N ILE A 152 -6.73 -15.22 -5.10
CA ILE A 152 -8.07 -15.05 -4.52
C ILE A 152 -8.58 -13.58 -4.46
N PRO A 153 -7.77 -12.65 -3.93
CA PRO A 153 -8.20 -11.23 -3.84
C PRO A 153 -8.79 -10.60 -5.10
N ALA A 154 -8.40 -11.05 -6.28
CA ALA A 154 -8.98 -10.47 -7.48
C ALA A 154 -10.48 -10.79 -7.60
N TYR A 155 -10.96 -11.82 -6.90
CA TYR A 155 -12.37 -12.20 -7.00
C TYR A 155 -13.16 -11.98 -5.72
N LEU A 156 -12.52 -12.30 -4.61
CA LEU A 156 -13.13 -12.15 -3.31
C LEU A 156 -13.10 -10.68 -2.87
N GLY A 157 -12.04 -9.97 -3.28
CA GLY A 157 -11.89 -8.57 -2.92
C GLY A 157 -11.05 -8.43 -1.68
N ARG A 158 -10.48 -9.54 -1.25
CA ARG A 158 -9.64 -9.58 -0.06
C ARG A 158 -9.03 -10.98 0.06
N TYR A 159 -8.17 -11.18 1.04
CA TYR A 159 -7.54 -12.47 1.20
C TYR A 159 -8.54 -13.47 1.75
N PHE A 160 -8.50 -14.70 1.23
CA PHE A 160 -9.36 -15.77 1.73
C PHE A 160 -8.98 -15.84 3.20
N GLU A 161 -9.94 -16.06 4.09
CA GLU A 161 -9.68 -16.11 5.53
C GLU A 161 -10.04 -17.44 6.21
N ILE A 162 -9.28 -17.79 7.23
CA ILE A 162 -9.53 -18.97 8.02
C ILE A 162 -9.93 -18.36 9.37
N GLU A 163 -11.14 -18.65 9.86
CA GLU A 163 -11.57 -18.12 11.15
C GLU A 163 -12.03 -19.22 12.11
N GLY A 164 -11.79 -19.04 13.41
CA GLY A 164 -12.19 -20.04 14.38
C GLY A 164 -11.74 -19.85 15.83
N ILE A 165 -12.05 -20.84 16.68
CA ILE A 165 -11.70 -20.81 18.10
C ILE A 165 -10.37 -21.46 18.47
N VAL A 166 -9.80 -21.03 19.58
CA VAL A 166 -8.56 -21.57 20.11
C VAL A 166 -7.38 -21.47 19.17
N PHE A 178 5.99 -21.15 21.73
CA PHE A 178 6.25 -22.53 21.36
C PHE A 178 5.22 -23.06 20.38
N PRO A 179 5.69 -23.85 19.40
CA PRO A 179 4.83 -24.42 18.38
C PRO A 179 3.49 -23.71 18.07
N THR A 180 2.39 -24.44 17.88
CA THR A 180 1.15 -23.78 17.44
C THR A 180 -0.12 -23.59 18.25
N ALA A 181 -1.16 -23.24 17.49
CA ALA A 181 -2.51 -23.02 17.99
C ALA A 181 -3.34 -23.67 16.90
N ASN A 182 -4.16 -24.65 17.29
CA ASN A 182 -5.02 -25.40 16.35
C ASN A 182 -6.32 -24.62 16.21
N ILE A 183 -6.76 -24.39 14.98
CA ILE A 183 -7.99 -23.64 14.77
C ILE A 183 -9.25 -24.46 14.51
N ASP A 184 -10.23 -24.34 15.40
CA ASP A 184 -11.50 -25.03 15.19
C ASP A 184 -12.40 -24.09 14.36
N ARG A 185 -12.65 -24.45 13.11
CA ARG A 185 -13.47 -23.64 12.22
C ARG A 185 -14.97 -23.82 12.36
N GLY A 186 -15.41 -24.49 13.43
CA GLY A 186 -16.83 -24.67 13.60
C GLY A 186 -17.36 -25.92 12.92
N ASN A 187 -18.69 -26.07 12.91
CA ASN A 187 -19.33 -27.26 12.35
C ASN A 187 -20.03 -27.25 10.99
N GLU A 188 -19.93 -26.17 10.23
CA GLU A 188 -20.57 -26.15 8.91
C GLU A 188 -19.61 -26.82 7.91
N LYS A 189 -20.05 -27.02 6.67
CA LYS A 189 -19.16 -27.64 5.70
C LYS A 189 -18.32 -26.54 5.11
N LEU A 190 -17.06 -26.47 5.50
CA LEU A 190 -16.17 -25.45 4.99
C LEU A 190 -15.17 -26.00 3.98
N VAL A 191 -14.98 -25.26 2.90
CA VAL A 191 -14.02 -25.64 1.89
C VAL A 191 -12.68 -25.77 2.59
N ASP A 192 -11.82 -26.64 2.09
CA ASP A 192 -10.51 -26.79 2.71
C ASP A 192 -9.41 -26.39 1.78
N LEU A 193 -8.31 -25.91 2.34
CA LEU A 193 -7.17 -25.52 1.51
C LEU A 193 -6.34 -26.77 1.18
N LYS A 194 -5.76 -26.79 -0.01
CA LYS A 194 -4.86 -27.87 -0.41
C LYS A 194 -3.87 -28.00 0.75
N ARG A 195 -3.59 -29.23 1.15
CA ARG A 195 -2.69 -29.45 2.28
C ARG A 195 -1.31 -28.88 2.00
N GLY A 196 -0.59 -28.60 3.07
CA GLY A 196 0.74 -28.04 2.94
C GLY A 196 0.96 -26.90 3.92
N VAL A 197 1.90 -26.00 3.60
CA VAL A 197 2.22 -24.86 4.45
C VAL A 197 1.93 -23.52 3.78
N TYR A 198 1.40 -22.58 4.55
CA TYR A 198 1.00 -21.26 4.06
C TYR A 198 1.44 -20.11 4.93
N LEU A 199 1.87 -19.00 4.31
CA LEU A 199 2.22 -17.80 5.11
C LEU A 199 0.89 -17.11 5.41
N VAL A 200 0.68 -16.77 6.67
CA VAL A 200 -0.57 -16.11 7.07
C VAL A 200 -0.39 -14.82 7.90
N ARG A 201 -1.46 -14.03 7.96
CA ARG A 201 -1.45 -12.78 8.73
C ARG A 201 -2.46 -12.98 9.85
N VAL A 202 -1.95 -13.16 11.05
CA VAL A 202 -2.76 -13.41 12.24
C VAL A 202 -3.32 -12.21 12.97
N HIS A 203 -4.66 -12.13 13.07
CA HIS A 203 -5.26 -11.02 13.81
C HIS A 203 -5.51 -11.49 15.24
N LEU A 204 -4.64 -11.07 16.16
CA LEU A 204 -4.75 -11.43 17.57
C LEU A 204 -5.88 -10.72 18.30
N PRO A 205 -6.43 -11.34 19.35
CA PRO A 205 -7.52 -10.76 20.14
C PRO A 205 -7.13 -9.41 20.70
N ASP A 206 -5.81 -9.22 20.81
CA ASP A 206 -5.19 -8.01 21.34
C ASP A 206 -5.56 -6.76 20.56
N GLY A 207 -5.65 -6.94 19.25
CA GLY A 207 -5.92 -5.87 18.33
C GLY A 207 -4.68 -5.88 17.44
N LYS A 208 -3.58 -6.35 18.02
CA LYS A 208 -2.32 -6.44 17.31
C LYS A 208 -2.38 -7.43 16.16
N LYS A 209 -1.43 -7.33 15.25
CA LYS A 209 -1.40 -8.19 14.08
C LYS A 209 0.00 -8.67 13.75
N LYS A 210 0.14 -9.99 13.62
CA LYS A 210 1.43 -10.64 13.32
C LYS A 210 1.34 -11.67 12.21
N PHE A 211 2.49 -12.08 11.69
CA PHE A 211 2.56 -13.08 10.62
C PHE A 211 2.83 -14.47 11.18
N GLY A 212 2.54 -15.48 10.37
CA GLY A 212 2.75 -16.82 10.85
C GLY A 212 2.73 -17.89 9.77
N VAL A 213 3.19 -19.07 10.19
CA VAL A 213 3.29 -20.25 9.33
C VAL A 213 2.16 -21.22 9.67
N MSE A 214 1.32 -21.52 8.69
CA MSE A 214 0.20 -22.43 8.90
C MSE A 214 0.37 -23.76 8.18
O MSE A 214 0.64 -23.81 6.97
CB MSE A 214 -1.12 -21.76 8.45
CG MSE A 214 -2.40 -22.53 8.80
SE MSE A 214 -4.07 -21.55 8.41
CE MSE A 214 -4.13 -21.70 6.51
N ASN A 215 0.19 -24.85 8.93
CA ASN A 215 0.27 -26.20 8.37
C ASN A 215 -1.14 -26.70 8.16
N VAL A 216 -1.43 -27.22 6.98
CA VAL A 216 -2.75 -27.76 6.68
C VAL A 216 -2.57 -29.23 6.36
N GLY A 217 -2.97 -30.12 7.26
CA GLY A 217 -2.79 -31.53 6.98
C GLY A 217 -3.84 -32.44 7.62
N PHE A 218 -3.76 -33.73 7.27
CA PHE A 218 -4.67 -34.76 7.78
C PHE A 218 -4.35 -35.23 9.20
N ARG A 226 -10.85 -35.50 4.89
CA ARG A 226 -12.17 -35.71 5.48
C ARG A 226 -12.36 -34.84 6.72
N ASN A 227 -11.26 -34.55 7.42
CA ASN A 227 -11.30 -33.71 8.63
C ASN A 227 -9.92 -33.07 8.79
N VAL A 228 -9.66 -32.05 7.98
CA VAL A 228 -8.38 -31.35 7.99
C VAL A 228 -8.10 -30.44 9.16
N LYS A 229 -6.86 -30.49 9.66
CA LYS A 229 -6.42 -29.65 10.77
C LYS A 229 -5.73 -28.36 10.28
N TYR A 230 -5.87 -27.30 11.07
CA TYR A 230 -5.26 -26.02 10.75
C TYR A 230 -4.48 -25.58 11.98
N GLU A 231 -3.17 -25.69 11.88
CA GLU A 231 -2.29 -25.31 12.96
C GLU A 231 -1.41 -24.17 12.46
N VAL A 232 -1.22 -23.16 13.30
CA VAL A 232 -0.44 -22.02 12.89
C VAL A 232 0.61 -21.66 13.90
N TYR A 233 1.84 -21.53 13.43
CA TYR A 233 2.93 -21.10 14.30
C TYR A 233 3.02 -19.57 14.16
N ILE A 234 2.96 -18.84 15.26
CA ILE A 234 2.98 -17.37 15.19
C ILE A 234 4.34 -16.72 15.50
N LEU A 235 4.87 -15.99 14.51
CA LEU A 235 6.16 -15.29 14.62
C LEU A 235 6.21 -14.12 15.60
N ASP A 236 7.25 -14.11 16.43
CA ASP A 236 7.44 -13.05 17.40
C ASP A 236 6.21 -12.88 18.28
N PHE A 237 5.72 -13.96 18.87
CA PHE A 237 4.55 -13.86 19.75
C PHE A 237 4.61 -14.80 20.96
N GLU A 238 4.21 -14.26 22.12
CA GLU A 238 4.23 -15.03 23.35
C GLU A 238 2.81 -15.20 23.91
N GLY A 239 2.66 -16.05 24.93
CA GLY A 239 1.35 -16.28 25.50
C GLY A 239 0.53 -17.21 24.61
N ASP A 240 -0.57 -17.76 25.14
CA ASP A 240 -1.40 -18.67 24.34
C ASP A 240 -2.83 -18.16 24.16
N LEU A 241 -3.47 -18.63 23.10
CA LEU A 241 -4.81 -18.20 22.74
C LEU A 241 -5.90 -19.24 22.96
N TYR A 242 -5.79 -20.04 24.02
CA TYR A 242 -6.78 -21.06 24.26
C TYR A 242 -8.11 -20.38 24.63
N GLY A 243 -9.16 -20.70 23.87
CA GLY A 243 -10.45 -20.12 24.15
C GLY A 243 -10.75 -18.84 23.38
N GLN A 244 -9.71 -18.19 22.89
CA GLN A 244 -9.88 -16.95 22.15
C GLN A 244 -10.19 -17.15 20.68
N ARG A 245 -10.82 -16.16 20.05
CA ARG A 245 -11.14 -16.28 18.64
C ARG A 245 -9.94 -15.76 17.83
N LEU A 246 -9.73 -16.29 16.62
CA LEU A 246 -8.60 -15.86 15.80
C LEU A 246 -9.03 -15.70 14.36
N LYS A 247 -8.39 -14.79 13.64
CA LYS A 247 -8.71 -14.59 12.22
C LYS A 247 -7.39 -14.62 11.47
N LEU A 248 -7.33 -15.36 10.38
CA LEU A 248 -6.10 -15.45 9.61
C LEU A 248 -6.31 -15.17 8.14
N GLU A 249 -5.52 -14.26 7.60
CA GLU A 249 -5.59 -13.93 6.18
C GLU A 249 -4.51 -14.83 5.58
N VAL A 250 -4.86 -15.63 4.58
CA VAL A 250 -3.87 -16.53 4.02
C VAL A 250 -3.24 -15.87 2.78
N LEU A 251 -1.95 -15.60 2.88
CA LEU A 251 -1.22 -14.88 1.85
C LEU A 251 -0.55 -15.69 0.76
N LYS A 252 0.29 -16.64 1.17
CA LYS A 252 1.01 -17.44 0.19
C LYS A 252 1.16 -18.91 0.53
N PHE A 253 1.14 -19.71 -0.53
CA PHE A 253 1.34 -21.13 -0.40
C PHE A 253 2.85 -21.29 -0.41
N MSE A 254 3.39 -21.89 0.63
CA MSE A 254 4.83 -22.11 0.74
C MSE A 254 5.22 -23.45 0.10
O MSE A 254 5.41 -23.51 -1.11
CB MSE A 254 5.24 -22.04 2.22
CG MSE A 254 5.28 -20.61 2.74
SE MSE A 254 5.29 -20.41 4.69
CE MSE A 254 7.07 -21.16 5.07
N ARG A 255 5.32 -24.52 0.89
CA ARG A 255 5.68 -25.82 0.34
C ARG A 255 4.53 -26.81 0.48
N ASP A 256 4.63 -27.93 -0.24
CA ASP A 256 3.61 -28.97 -0.16
C ASP A 256 3.86 -29.84 1.05
N GLU A 257 2.91 -30.73 1.33
CA GLU A 257 3.00 -31.62 2.47
C GLU A 257 4.01 -32.73 2.24
N LYS A 258 4.68 -33.13 3.32
CA LYS A 258 5.67 -34.19 3.23
C LYS A 258 6.01 -34.73 4.61
N LYS A 259 6.16 -36.05 4.67
CA LYS A 259 6.51 -36.78 5.89
C LYS A 259 7.72 -36.17 6.59
N GLU A 264 14.01 -38.35 11.40
CA GLU A 264 13.29 -37.21 11.96
C GLU A 264 14.06 -35.91 11.72
N GLU A 265 13.91 -35.33 10.53
CA GLU A 265 14.57 -34.07 10.19
C GLU A 265 13.45 -33.03 10.14
N LEU A 266 12.69 -33.01 11.22
CA LEU A 266 11.56 -32.11 11.38
C LEU A 266 12.01 -30.77 11.94
N LYS A 267 12.73 -30.82 13.07
CA LYS A 267 13.24 -29.63 13.74
C LYS A 267 14.09 -28.77 12.80
N ALA A 268 14.22 -29.19 11.55
CA ALA A 268 15.00 -28.42 10.60
C ALA A 268 14.15 -27.96 9.42
N ALA A 269 13.18 -28.77 9.02
CA ALA A 269 12.29 -28.44 7.91
C ALA A 269 11.37 -27.28 8.27
N ILE A 270 10.98 -27.20 9.54
CA ILE A 270 10.11 -26.10 9.94
C ILE A 270 10.98 -24.88 10.11
N ASP A 271 12.16 -25.08 10.66
CA ASP A 271 13.06 -23.95 10.86
C ASP A 271 13.41 -23.35 9.52
N GLN A 272 13.34 -24.15 8.45
CA GLN A 272 13.63 -23.60 7.14
C GLN A 272 12.42 -22.73 6.77
N ASP A 273 11.24 -23.31 6.96
CA ASP A 273 9.98 -22.64 6.67
C ASP A 273 9.97 -21.25 7.33
N VAL A 274 10.24 -21.20 8.62
CA VAL A 274 10.28 -19.94 9.35
C VAL A 274 11.20 -18.97 8.61
N LYS A 275 12.50 -19.28 8.57
CA LYS A 275 13.48 -18.45 7.87
C LYS A 275 13.01 -18.12 6.45
N SER A 276 12.12 -18.94 5.92
CA SER A 276 11.61 -18.69 4.58
C SER A 276 10.39 -17.75 4.68
N ALA A 277 9.64 -17.85 5.78
CA ALA A 277 8.47 -17.02 5.99
C ALA A 277 8.98 -15.59 5.98
N ARG A 278 9.99 -15.37 6.82
CA ARG A 278 10.68 -14.11 6.90
C ARG A 278 11.36 -14.16 5.55
N ASN A 279 11.18 -13.15 4.73
CA ASN A 279 11.73 -13.09 3.38
C ASN A 279 10.57 -13.25 2.44
N MSE A 280 9.55 -13.95 2.89
CA MSE A 280 8.37 -13.66 1.81
C MSE A 280 7.68 -12.46 2.43
O MSE A 280 7.03 -11.68 1.75
CB MSE A 280 7.46 -14.90 1.90
CG MSE A 280 8.00 -16.11 1.17
SE MSE A 280 6.80 -17.66 1.26
CE MSE A 280 7.35 -18.22 3.06
N ILE A 281 7.82 -12.33 3.74
CA ILE A 281 7.22 -11.23 4.47
C ILE A 281 7.88 -9.94 4.02
N ASP A 282 9.21 -9.91 4.11
CA ASP A 282 9.98 -8.75 3.68
C ASP A 282 9.56 -8.34 2.27
N ASP A 283 9.46 -9.31 1.36
CA ASP A 283 9.08 -9.01 -0.02
C ASP A 283 7.61 -8.62 -0.21
N ILE A 284 6.79 -8.89 0.79
CA ILE A 284 5.39 -8.49 0.67
C ILE A 284 5.36 -7.05 1.16
N ILE A 285 6.05 -6.81 2.27
CA ILE A 285 6.12 -5.46 2.82
C ILE A 285 6.75 -4.54 1.79
N ASN A 286 7.94 -4.90 1.31
CA ASN A 286 8.63 -4.09 0.31
C ASN A 286 7.65 -3.64 -0.77
N SER A 287 7.01 -4.60 -1.42
CA SER A 287 6.05 -4.30 -2.47
C SER A 287 5.05 -3.22 -2.05
N LYS A 288 4.77 -3.10 -0.75
CA LYS A 288 3.81 -2.11 -0.29
C LYS A 288 4.31 -0.68 -0.36
N PHE A 289 5.62 -0.48 -0.20
CA PHE A 289 6.20 0.86 -0.27
C PHE A 289 6.29 1.33 -1.72
N GLU A 290 6.27 0.37 -2.65
CA GLU A 290 6.35 0.66 -4.08
C GLU A 290 7.63 1.39 -4.49
N VAL B 2 14.42 19.08 -27.28
CA VAL B 2 13.72 19.88 -26.28
C VAL B 2 14.49 19.87 -24.98
N VAL B 3 14.58 21.03 -24.34
CA VAL B 3 15.34 21.18 -23.10
C VAL B 3 14.57 21.70 -21.90
N SER B 4 15.05 21.33 -20.72
CA SER B 4 14.50 21.74 -19.46
C SER B 4 15.65 22.35 -18.67
N ILE B 5 15.40 23.50 -18.04
CA ILE B 5 16.45 24.14 -17.29
C ILE B 5 15.92 24.43 -15.92
N GLY B 6 16.74 24.26 -14.89
CA GLY B 6 16.26 24.51 -13.54
C GLY B 6 17.26 23.99 -12.52
N VAL B 7 16.95 24.14 -11.23
CA VAL B 7 17.83 23.63 -10.21
C VAL B 7 17.36 22.22 -9.81
N PHE B 8 16.04 22.07 -9.63
CA PHE B 8 15.44 20.80 -9.28
C PHE B 8 15.91 20.19 -7.97
N ASP B 9 16.22 21.01 -6.98
CA ASP B 9 16.65 20.47 -5.70
C ASP B 9 15.51 19.63 -5.12
N GLY B 10 15.74 18.31 -5.05
CA GLY B 10 14.75 17.38 -4.51
C GLY B 10 13.83 16.74 -5.53
N VAL B 11 13.88 17.22 -6.77
CA VAL B 11 13.00 16.73 -7.84
C VAL B 11 11.61 16.43 -7.26
N HIS B 12 10.99 17.44 -6.65
CA HIS B 12 9.66 17.31 -6.06
C HIS B 12 8.61 17.22 -7.15
N ILE B 13 7.35 17.03 -6.77
CA ILE B 13 6.32 16.88 -7.79
C ILE B 13 6.12 18.09 -8.69
N GLY B 14 6.58 19.26 -8.24
CA GLY B 14 6.47 20.45 -9.08
C GLY B 14 7.46 20.27 -10.22
N HIS B 15 8.70 19.97 -9.85
CA HIS B 15 9.74 19.70 -10.83
C HIS B 15 9.33 18.55 -11.75
N GLN B 16 8.70 17.54 -11.15
CA GLN B 16 8.25 16.37 -11.91
C GLN B 16 7.33 16.80 -13.04
N LYS B 17 6.43 17.72 -12.73
CA LYS B 17 5.49 18.23 -13.71
C LYS B 17 6.22 18.84 -14.91
N VAL B 18 7.34 19.53 -14.66
CA VAL B 18 8.11 20.14 -15.74
C VAL B 18 8.76 19.08 -16.63
N LEU B 19 9.45 18.13 -15.99
CA LEU B 19 10.11 17.04 -16.70
C LEU B 19 9.10 16.19 -17.49
N ARG B 20 7.95 15.92 -16.90
CA ARG B 20 6.94 15.15 -17.62
C ARG B 20 6.49 15.89 -18.88
N THR B 21 6.34 17.21 -18.79
CA THR B 21 5.91 18.00 -19.94
C THR B 21 6.99 17.98 -21.03
N MSE B 22 8.25 17.99 -20.64
CA MSE B 22 9.32 17.92 -21.64
C MSE B 22 9.16 16.61 -22.43
O MSE B 22 9.21 16.61 -23.67
CB MSE B 22 10.69 17.97 -20.98
CG MSE B 22 11.81 17.47 -21.86
SE MSE B 22 13.42 17.19 -20.75
CE MSE B 22 12.64 16.01 -19.42
N LYS B 23 8.96 15.52 -21.70
CA LYS B 23 8.80 14.22 -22.35
C LYS B 23 7.59 14.18 -23.26
N GLU B 24 6.55 14.91 -22.88
CA GLU B 24 5.33 14.94 -23.67
C GLU B 24 5.64 15.60 -25.00
N ILE B 25 6.41 16.68 -24.95
CA ILE B 25 6.81 17.43 -26.14
C ILE B 25 7.78 16.60 -26.98
N ALA B 26 8.77 16.00 -26.33
CA ALA B 26 9.73 15.19 -27.06
C ALA B 26 8.99 14.07 -27.80
N PHE B 27 8.00 13.48 -27.16
CA PHE B 27 7.26 12.41 -27.80
C PHE B 27 6.56 12.83 -29.09
N PHE B 28 5.79 13.90 -29.04
CA PHE B 28 5.07 14.33 -30.23
C PHE B 28 5.93 14.92 -31.35
N ARG B 29 7.16 15.29 -31.02
CA ARG B 29 8.06 15.84 -32.02
C ARG B 29 9.09 14.79 -32.39
N LYS B 30 9.16 13.71 -31.60
CA LYS B 30 10.17 12.69 -31.84
C LYS B 30 11.49 13.44 -31.75
N ASP B 31 11.74 14.01 -30.58
CA ASP B 31 12.94 14.78 -30.33
C ASP B 31 13.72 14.18 -29.19
N ASP B 32 15.02 14.39 -29.16
CA ASP B 32 15.80 13.88 -28.05
C ASP B 32 15.45 14.79 -26.88
N SER B 33 15.94 14.45 -25.69
CA SER B 33 15.65 15.25 -24.53
C SER B 33 16.92 15.48 -23.73
N LEU B 34 17.03 16.69 -23.19
CA LEU B 34 18.17 17.06 -22.39
C LEU B 34 17.66 17.85 -21.21
N ILE B 35 18.31 17.67 -20.09
CA ILE B 35 17.97 18.40 -18.89
C ILE B 35 19.24 19.10 -18.49
N TYR B 36 19.12 20.40 -18.24
CA TYR B 36 20.22 21.20 -17.77
C TYR B 36 19.78 21.50 -16.36
N THR B 37 20.55 21.07 -15.36
CA THR B 37 20.25 21.34 -13.96
C THR B 37 21.35 22.27 -13.46
N ILE B 38 20.98 23.39 -12.84
CA ILE B 38 21.95 24.34 -12.35
C ILE B 38 22.57 23.81 -11.07
N SER B 39 23.89 23.75 -11.04
CA SER B 39 24.60 23.29 -9.87
C SER B 39 23.89 23.72 -8.60
N TYR B 40 24.05 24.99 -8.22
CA TYR B 40 23.43 25.48 -7.00
C TYR B 40 22.43 26.58 -7.26
N PRO B 41 21.49 26.79 -6.33
CA PRO B 41 20.54 27.88 -6.57
C PRO B 41 21.26 29.19 -6.14
N PRO B 42 20.74 30.36 -6.58
CA PRO B 42 21.30 31.68 -6.27
C PRO B 42 21.70 31.99 -4.81
N GLU B 43 20.96 31.47 -3.85
CA GLU B 43 21.22 31.74 -2.44
C GLU B 43 22.10 30.75 -1.70
N TYR B 44 22.52 29.69 -2.39
CA TYR B 44 23.35 28.63 -1.83
C TYR B 44 24.44 29.09 -0.87
N PHE B 45 25.23 30.07 -1.28
CA PHE B 45 26.30 30.53 -0.43
C PHE B 45 25.97 31.46 0.72
N LEU B 46 24.76 32.02 0.74
CA LEU B 46 24.40 32.89 1.86
C LEU B 46 24.39 32.10 3.19
N PRO B 47 24.74 32.75 4.31
CA PRO B 47 24.79 32.16 5.67
C PRO B 47 23.49 31.61 6.19
N ASP B 48 22.40 32.11 5.63
CA ASP B 48 21.04 31.76 6.01
C ASP B 48 20.52 30.45 5.38
N PHE B 49 20.90 30.22 4.12
CA PHE B 49 20.49 29.03 3.36
C PHE B 49 20.42 27.76 4.20
N PRO B 50 19.27 27.07 4.18
CA PRO B 50 19.06 25.83 4.94
C PRO B 50 19.94 24.70 4.42
N GLY B 51 19.94 24.53 3.09
CA GLY B 51 20.74 23.49 2.46
C GLY B 51 19.96 22.79 1.37
N LEU B 52 20.67 22.04 0.51
CA LEU B 52 20.00 21.32 -0.58
C LEU B 52 19.30 20.08 -0.02
N LEU B 53 18.22 19.66 -0.64
CA LEU B 53 17.52 18.47 -0.15
C LEU B 53 18.40 17.22 -0.35
N MSE B 54 19.35 17.33 -1.26
CA MSE B 54 20.22 16.21 -1.63
C MSE B 54 21.44 16.75 -2.41
O MSE B 54 21.41 17.87 -2.94
CB MSE B 54 19.44 15.27 -2.53
CG MSE B 54 18.73 16.04 -3.63
SE MSE B 54 17.66 14.82 -4.63
CE MSE B 54 17.12 15.92 -6.15
N THR B 55 22.48 15.92 -2.52
CA THR B 55 23.68 16.30 -3.24
C THR B 55 23.39 16.39 -4.73
N VAL B 56 24.20 17.14 -5.45
CA VAL B 56 24.01 17.27 -6.89
C VAL B 56 24.01 15.86 -7.49
N GLU B 57 24.90 15.01 -6.96
CA GLU B 57 25.03 13.64 -7.44
C GLU B 57 23.71 12.85 -7.38
N SER B 58 23.05 12.86 -6.23
CA SER B 58 21.78 12.14 -6.11
C SER B 58 20.77 12.78 -7.04
N ARG B 59 20.73 14.11 -7.04
CA ARG B 59 19.81 14.86 -7.88
C ARG B 59 19.90 14.42 -9.32
N VAL B 60 21.13 14.24 -9.79
CA VAL B 60 21.37 13.81 -11.16
C VAL B 60 20.86 12.38 -11.34
N GLU B 61 21.06 11.53 -10.34
CA GLU B 61 20.58 10.15 -10.46
C GLU B 61 19.09 10.11 -10.71
N MSE B 62 18.34 11.02 -10.10
CA MSE B 62 16.90 11.06 -10.30
C MSE B 62 16.47 11.71 -11.61
O MSE B 62 15.56 11.22 -12.29
CB MSE B 62 16.20 11.77 -9.16
CG MSE B 62 16.51 11.19 -7.82
SE MSE B 62 15.09 11.65 -6.60
CE MSE B 62 14.00 10.07 -6.93
N LEU B 63 17.10 12.83 -11.97
CA LEU B 63 16.75 13.51 -13.21
C LEU B 63 17.01 12.55 -14.37
N SER B 64 18.00 11.67 -14.20
CA SER B 64 18.39 10.68 -15.21
C SER B 64 17.25 9.81 -15.70
N ARG B 65 16.30 9.54 -14.81
CA ARG B 65 15.13 8.75 -15.13
C ARG B 65 14.16 9.46 -16.08
N TYR B 66 14.44 10.70 -16.46
CA TYR B 66 13.55 11.40 -17.37
C TYR B 66 14.24 11.70 -18.68
N ALA B 67 15.55 11.89 -18.62
CA ALA B 67 16.36 12.17 -19.80
C ALA B 67 17.81 12.34 -19.41
N ARG B 68 18.68 12.37 -20.41
CA ARG B 68 20.10 12.57 -20.22
C ARG B 68 20.24 13.94 -19.52
N THR B 69 21.10 14.02 -18.50
CA THR B 69 21.29 15.25 -17.75
C THR B 69 22.74 15.75 -17.70
N VAL B 70 22.87 17.06 -17.93
CA VAL B 70 24.14 17.76 -17.88
C VAL B 70 23.98 18.78 -16.77
N VAL B 71 25.06 19.03 -16.02
CA VAL B 71 25.06 19.97 -14.92
C VAL B 71 25.68 21.31 -15.29
N LEU B 72 24.91 22.39 -15.21
CA LEU B 72 25.46 23.71 -15.50
C LEU B 72 26.15 24.21 -14.24
N ASP B 73 27.46 24.45 -14.34
CA ASP B 73 28.22 24.94 -13.21
C ASP B 73 27.85 26.37 -12.80
N PHE B 74 27.32 26.53 -11.59
CA PHE B 74 26.91 27.83 -11.04
C PHE B 74 27.85 28.93 -11.52
N PHE B 75 29.14 28.73 -11.26
CA PHE B 75 30.16 29.66 -11.72
C PHE B 75 30.37 29.13 -13.13
N ARG B 76 30.44 30.01 -14.13
CA ARG B 76 30.62 29.63 -15.55
C ARG B 76 29.32 29.87 -16.27
N ILE B 77 28.26 30.14 -15.50
CA ILE B 77 27.05 30.71 -16.14
C ILE B 77 26.45 31.89 -15.37
N LYS B 78 27.08 32.28 -14.27
CA LYS B 78 26.56 33.39 -13.48
C LYS B 78 27.00 34.71 -14.09
N ASP B 79 27.99 34.66 -14.98
CA ASP B 79 28.50 35.87 -15.61
C ASP B 79 28.35 35.85 -17.14
N LEU B 80 27.40 35.08 -17.64
CA LEU B 80 27.18 35.03 -19.09
C LEU B 80 26.02 35.97 -19.39
N THR B 81 26.05 36.59 -20.56
CA THR B 81 24.95 37.49 -20.92
C THR B 81 23.77 36.66 -21.41
N PRO B 82 22.55 37.17 -21.19
CA PRO B 82 21.35 36.43 -21.62
C PRO B 82 21.50 35.94 -23.04
N GLU B 83 22.40 36.59 -23.78
CA GLU B 83 22.68 36.24 -25.16
C GLU B 83 23.73 35.12 -25.24
N GLY B 84 24.71 35.19 -24.34
CA GLY B 84 25.77 34.19 -24.32
C GLY B 84 25.31 32.82 -23.85
N PHE B 85 24.37 32.80 -22.91
CA PHE B 85 23.85 31.54 -22.40
C PHE B 85 23.21 30.81 -23.57
N VAL B 86 22.27 31.48 -24.22
CA VAL B 86 21.60 30.91 -25.38
C VAL B 86 22.67 30.54 -26.39
N GLU B 87 23.67 31.39 -26.51
CA GLU B 87 24.75 31.17 -27.46
C GLU B 87 25.48 29.86 -27.14
N ARG B 88 25.82 29.65 -25.88
CA ARG B 88 26.57 28.46 -25.48
C ARG B 88 25.84 27.14 -25.22
N TYR B 89 24.61 27.21 -24.72
CA TYR B 89 23.90 25.97 -24.39
C TYR B 89 22.64 25.64 -25.19
N LEU B 90 21.93 26.65 -25.70
CA LEU B 90 20.69 26.38 -26.43
C LEU B 90 20.81 26.36 -27.95
N SER B 91 22.01 26.04 -28.45
CA SER B 91 22.25 25.98 -29.89
C SER B 91 21.46 24.83 -30.51
N GLY B 92 20.63 25.16 -31.50
CA GLY B 92 19.82 24.15 -32.18
C GLY B 92 18.63 23.67 -31.36
N VAL B 93 18.35 24.37 -30.27
CA VAL B 93 17.26 23.99 -29.42
C VAL B 93 15.95 24.53 -29.95
N SER B 94 15.04 23.64 -30.30
CA SER B 94 13.77 24.07 -30.83
C SER B 94 12.84 24.54 -29.73
N ALA B 95 12.84 23.83 -28.60
CA ALA B 95 11.95 24.14 -27.47
C ALA B 95 12.61 24.04 -26.08
N VAL B 96 12.09 24.82 -25.13
CA VAL B 96 12.58 24.84 -23.75
C VAL B 96 11.38 24.73 -22.79
N VAL B 97 11.57 24.06 -21.65
CA VAL B 97 10.50 23.89 -20.66
C VAL B 97 11.01 24.34 -19.31
N VAL B 98 10.31 25.28 -18.69
CA VAL B 98 10.75 25.79 -17.40
C VAL B 98 9.59 26.12 -16.50
N GLY B 99 9.88 26.46 -15.26
CA GLY B 99 8.84 26.84 -14.33
C GLY B 99 8.51 28.33 -14.49
N ARG B 100 7.58 28.83 -13.68
CA ARG B 100 7.18 30.24 -13.74
C ARG B 100 8.33 31.13 -13.30
N ASP B 101 8.40 32.33 -13.87
CA ASP B 101 9.45 33.30 -13.57
C ASP B 101 10.82 32.62 -13.40
N PHE B 102 11.33 32.11 -14.51
CA PHE B 102 12.63 31.46 -14.52
C PHE B 102 13.58 32.48 -15.11
N ARG B 103 14.79 32.58 -14.55
CA ARG B 103 15.77 33.55 -15.04
C ARG B 103 17.18 32.96 -15.07
N PHE B 104 18.01 33.49 -15.95
CA PHE B 104 19.38 33.00 -16.10
C PHE B 104 20.36 34.11 -16.45
N GLY B 105 21.66 33.78 -16.44
CA GLY B 105 22.69 34.74 -16.79
C GLY B 105 22.83 35.96 -15.89
N LYS B 106 23.68 36.90 -16.31
CA LYS B 106 23.93 38.15 -15.56
C LYS B 106 22.69 38.72 -14.87
N ASN B 107 22.90 39.37 -13.73
CA ASN B 107 21.83 39.96 -12.93
C ASN B 107 20.44 39.49 -13.38
N ALA B 108 20.23 38.18 -13.30
CA ALA B 108 18.97 37.53 -13.67
C ALA B 108 18.16 38.23 -14.76
N SER B 109 18.84 38.70 -15.80
CA SER B 109 18.14 39.39 -16.88
C SER B 109 17.92 38.48 -18.07
N GLY B 110 17.45 37.27 -17.78
CA GLY B 110 17.17 36.30 -18.83
C GLY B 110 15.80 35.72 -18.52
N ASN B 111 15.09 35.26 -19.55
CA ASN B 111 13.76 34.69 -19.33
C ASN B 111 13.01 34.30 -20.60
N ALA B 112 11.75 33.90 -20.40
CA ALA B 112 10.88 33.48 -21.50
C ALA B 112 11.06 34.40 -22.69
N SER B 113 10.62 35.65 -22.53
CA SER B 113 10.69 36.65 -23.58
C SER B 113 12.03 36.69 -24.31
N PHE B 114 13.13 36.82 -23.56
CA PHE B 114 14.43 36.88 -24.21
C PHE B 114 14.64 35.65 -25.08
N LEU B 115 14.21 34.50 -24.57
CA LEU B 115 14.33 33.23 -25.28
C LEU B 115 13.40 33.23 -26.48
N ARG B 116 12.22 33.81 -26.30
CA ARG B 116 11.24 33.87 -27.37
C ARG B 116 11.64 34.85 -28.49
N LYS B 117 12.60 35.72 -28.19
CA LYS B 117 13.09 36.72 -29.17
C LYS B 117 14.18 36.12 -30.06
N LYS B 118 14.69 34.96 -29.68
CA LYS B 118 15.75 34.31 -30.45
C LYS B 118 15.26 33.03 -31.14
N GLY B 119 13.95 32.92 -31.33
CA GLY B 119 13.38 31.76 -31.98
C GLY B 119 13.28 30.53 -31.09
N VAL B 120 13.05 30.75 -29.80
CA VAL B 120 12.95 29.65 -28.86
C VAL B 120 11.57 29.50 -28.25
N GLU B 121 10.91 28.37 -28.51
CA GLU B 121 9.59 28.15 -27.92
C GLU B 121 9.81 27.99 -26.42
N VAL B 122 8.94 28.59 -25.62
CA VAL B 122 9.10 28.47 -24.19
C VAL B 122 7.81 27.98 -23.61
N TYR B 123 7.89 26.89 -22.85
CA TYR B 123 6.72 26.31 -22.21
C TYR B 123 6.91 26.59 -20.75
N GLU B 124 6.06 27.46 -20.22
CA GLU B 124 6.13 27.81 -18.81
C GLU B 124 5.16 26.88 -18.11
N ILE B 125 5.62 26.29 -17.01
CA ILE B 125 4.82 25.33 -16.28
C ILE B 125 4.26 25.86 -14.98
N GLU B 126 2.93 25.78 -14.87
CA GLU B 126 2.22 26.21 -13.68
C GLU B 126 2.83 25.55 -12.45
N ASP B 127 3.01 26.32 -11.39
CA ASP B 127 3.54 25.78 -10.15
C ASP B 127 2.50 24.78 -9.67
N VAL B 128 2.90 23.85 -8.81
CA VAL B 128 1.93 22.89 -8.31
C VAL B 128 1.51 23.20 -6.87
N VAL B 129 0.20 23.17 -6.63
CA VAL B 129 -0.33 23.47 -5.33
C VAL B 129 -0.68 22.21 -4.55
N VAL B 130 -0.25 22.14 -3.29
CA VAL B 130 -0.57 21.01 -2.43
C VAL B 130 -0.96 21.59 -1.07
N GLN B 131 -2.14 21.21 -0.58
CA GLN B 131 -2.64 21.70 0.71
C GLN B 131 -2.66 23.23 0.70
N GLY B 132 -3.05 23.79 -0.44
CA GLY B 132 -3.11 25.24 -0.56
C GLY B 132 -1.77 25.96 -0.54
N LYS B 133 -0.70 25.24 -0.84
CA LYS B 133 0.62 25.85 -0.85
C LYS B 133 1.35 25.50 -2.13
N ARG B 134 2.28 26.36 -2.54
CA ARG B 134 3.07 26.13 -3.74
C ARG B 134 4.17 25.15 -3.37
N VAL B 135 4.31 24.08 -4.13
CA VAL B 135 5.34 23.12 -3.82
C VAL B 135 6.66 23.79 -4.15
N SER B 136 7.58 23.85 -3.19
CA SER B 136 8.86 24.47 -3.43
C SER B 136 9.92 23.80 -2.59
N SER B 137 11.16 23.92 -3.02
CA SER B 137 12.26 23.34 -2.27
C SER B 137 12.34 23.96 -0.90
N SER B 138 11.95 25.24 -0.82
CA SER B 138 11.98 25.95 0.46
C SER B 138 11.04 25.30 1.45
N LEU B 139 9.82 25.06 1.00
CA LEU B 139 8.79 24.42 1.82
C LEU B 139 9.32 23.12 2.44
N ILE B 140 9.86 22.24 1.59
CA ILE B 140 10.37 20.95 2.04
C ILE B 140 11.57 21.13 2.97
N ARG B 141 12.43 22.09 2.64
CA ARG B 141 13.60 22.36 3.48
C ARG B 141 13.16 22.75 4.89
N ASN B 142 12.10 23.54 5.00
CA ASN B 142 11.60 23.95 6.32
C ASN B 142 11.01 22.76 7.08
N LEU B 143 10.17 21.99 6.40
CA LEU B 143 9.57 20.82 7.01
C LEU B 143 10.72 19.93 7.49
N VAL B 144 11.78 19.83 6.69
CA VAL B 144 12.89 19.00 7.11
C VAL B 144 13.46 19.52 8.42
N GLN B 145 13.79 20.81 8.48
CA GLN B 145 14.35 21.35 9.72
C GLN B 145 13.39 21.26 10.89
N GLU B 146 12.10 21.34 10.61
CA GLU B 146 11.13 21.26 11.69
C GLU B 146 10.96 19.81 12.16
N GLY B 147 11.43 18.86 11.35
CA GLY B 147 11.33 17.45 11.73
C GLY B 147 10.03 16.82 11.29
N ARG B 148 9.20 17.61 10.62
CA ARG B 148 7.93 17.15 10.13
C ARG B 148 8.05 16.26 8.90
N VAL B 149 8.80 15.18 9.04
CA VAL B 149 9.01 14.24 7.93
C VAL B 149 7.74 13.55 7.42
N GLU B 150 6.81 13.21 8.30
CA GLU B 150 5.56 12.56 7.90
C GLU B 150 4.84 13.37 6.82
N GLU B 151 4.97 14.69 6.91
CA GLU B 151 4.31 15.58 5.96
C GLU B 151 5.10 15.85 4.69
N ILE B 152 6.30 15.29 4.56
CA ILE B 152 7.10 15.55 3.36
C ILE B 152 6.62 14.91 2.05
N PRO B 153 6.15 13.65 2.07
CA PRO B 153 5.69 13.00 0.83
C PRO B 153 4.60 13.68 0.01
N ALA B 154 3.80 14.53 0.62
CA ALA B 154 2.76 15.21 -0.14
C ALA B 154 3.37 16.23 -1.12
N TYR B 155 4.56 16.73 -0.82
CA TYR B 155 5.22 17.73 -1.66
C TYR B 155 6.37 17.19 -2.48
N LEU B 156 7.23 16.44 -1.80
CA LEU B 156 8.40 15.83 -2.41
C LEU B 156 7.94 14.71 -3.34
N GLY B 157 6.95 13.93 -2.90
CA GLY B 157 6.46 12.84 -3.71
C GLY B 157 7.03 11.50 -3.30
N ARG B 158 7.79 11.50 -2.22
CA ARG B 158 8.42 10.29 -1.72
C ARG B 158 8.94 10.67 -0.34
N TYR B 159 9.48 9.74 0.42
CA TYR B 159 9.97 10.16 1.72
C TYR B 159 11.28 10.91 1.54
N PHE B 160 11.68 11.65 2.55
CA PHE B 160 12.93 12.40 2.52
C PHE B 160 14.06 11.40 2.75
N GLU B 161 15.17 11.57 2.05
CA GLU B 161 16.29 10.64 2.17
C GLU B 161 17.58 11.17 2.73
N ILE B 162 18.38 10.24 3.23
CA ILE B 162 19.69 10.56 3.76
C ILE B 162 20.60 9.54 3.08
N GLU B 163 21.44 9.99 2.13
CA GLU B 163 22.35 9.09 1.43
C GLU B 163 23.76 9.30 1.99
N GLY B 164 24.69 8.44 1.62
CA GLY B 164 26.04 8.58 2.12
C GLY B 164 26.84 7.29 2.28
N ILE B 165 28.10 7.47 2.66
CA ILE B 165 29.04 6.38 2.89
C ILE B 165 29.08 6.17 4.38
N VAL B 166 29.22 4.92 4.80
CA VAL B 166 29.26 4.60 6.22
C VAL B 166 30.64 4.73 6.85
N HIS B 167 30.74 5.52 7.91
CA HIS B 167 31.99 5.68 8.63
C HIS B 167 33.08 6.27 7.72
N PRO B 179 25.51 -0.30 18.69
CA PRO B 179 26.21 -0.51 17.41
C PRO B 179 26.08 0.70 16.49
N THR B 180 25.22 0.59 15.48
CA THR B 180 24.94 1.66 14.51
C THR B 180 26.02 2.01 13.49
N ALA B 181 25.62 2.89 12.57
CA ALA B 181 26.35 2.91 11.22
C ALA B 181 26.27 4.44 11.13
N ASN B 182 27.42 5.09 11.16
CA ASN B 182 27.49 6.56 11.09
C ASN B 182 27.56 6.99 9.63
N ILE B 183 26.58 7.77 9.18
CA ILE B 183 26.52 8.19 7.77
C ILE B 183 27.20 9.49 7.35
N ASP B 184 28.08 9.41 6.34
CA ASP B 184 28.75 10.60 5.81
C ASP B 184 27.96 11.05 4.58
N ARG B 185 27.29 12.20 4.69
CA ARG B 185 26.46 12.70 3.59
C ARG B 185 27.18 13.42 2.47
N GLY B 186 28.48 13.63 2.60
CA GLY B 186 29.19 14.33 1.54
C GLY B 186 29.61 15.72 1.94
N ASN B 187 30.13 16.48 0.98
CA ASN B 187 30.62 17.83 1.26
C ASN B 187 29.62 18.96 1.08
N GLU B 188 28.81 18.91 0.03
CA GLU B 188 27.84 19.96 -0.21
C GLU B 188 27.13 20.44 1.07
N LYS B 189 26.44 21.57 0.99
CA LYS B 189 25.72 22.11 2.14
C LYS B 189 24.35 21.47 2.09
N LEU B 190 24.07 20.62 3.06
CA LEU B 190 22.79 19.90 3.12
C LEU B 190 21.89 20.27 4.28
N VAL B 191 20.61 20.52 3.99
CA VAL B 191 19.67 20.85 5.06
C VAL B 191 19.79 19.77 6.14
N ASP B 192 19.69 20.15 7.39
CA ASP B 192 19.76 19.16 8.47
C ASP B 192 18.40 18.96 9.13
N LEU B 193 18.16 17.74 9.57
CA LEU B 193 16.92 17.38 10.26
C LEU B 193 16.97 17.84 11.71
N LYS B 194 15.86 18.35 12.24
CA LYS B 194 15.79 18.77 13.65
C LYS B 194 16.39 17.60 14.45
N ARG B 195 17.27 17.89 15.41
CA ARG B 195 17.89 16.82 16.18
C ARG B 195 16.84 15.95 16.87
N GLY B 196 17.22 14.71 17.17
CA GLY B 196 16.32 13.78 17.82
C GLY B 196 16.49 12.37 17.24
N VAL B 197 15.49 11.52 17.47
CA VAL B 197 15.53 10.12 17.00
C VAL B 197 14.40 9.89 16.02
N TYR B 198 14.71 9.31 14.86
CA TYR B 198 13.71 9.05 13.82
C TYR B 198 13.61 7.59 13.45
N LEU B 199 12.50 7.22 12.83
CA LEU B 199 12.31 5.85 12.35
C LEU B 199 12.70 5.86 10.88
N VAL B 200 13.58 4.95 10.49
CA VAL B 200 13.98 4.92 9.09
C VAL B 200 13.87 3.56 8.42
N ARG B 201 13.90 3.58 7.09
CA ARG B 201 13.86 2.38 6.31
C ARG B 201 15.19 2.33 5.59
N VAL B 202 16.09 1.48 6.08
CA VAL B 202 17.41 1.37 5.50
C VAL B 202 17.47 0.51 4.26
N HIS B 203 18.17 0.97 3.23
CA HIS B 203 18.35 0.18 2.01
C HIS B 203 19.78 -0.31 2.04
N LEU B 204 19.98 -1.59 2.35
CA LEU B 204 21.33 -2.16 2.41
C LEU B 204 21.87 -2.46 1.01
N PRO B 205 23.19 -2.60 0.89
CA PRO B 205 23.85 -2.87 -0.40
C PRO B 205 23.48 -4.18 -1.11
N ASP B 206 23.06 -5.17 -0.35
CA ASP B 206 22.71 -6.47 -0.94
C ASP B 206 21.32 -6.51 -1.54
N GLY B 207 20.65 -5.37 -1.52
CA GLY B 207 19.31 -5.29 -2.07
C GLY B 207 18.20 -5.50 -1.05
N LYS B 208 18.57 -5.82 0.19
CA LYS B 208 17.59 -6.04 1.25
C LYS B 208 17.09 -4.75 1.87
N LYS B 209 15.96 -4.79 2.57
CA LYS B 209 15.39 -3.62 3.23
C LYS B 209 15.10 -3.87 4.71
N LYS B 210 15.77 -3.13 5.58
CA LYS B 210 15.55 -3.23 7.02
C LYS B 210 14.99 -1.91 7.52
N PHE B 211 14.59 -1.87 8.78
CA PHE B 211 14.05 -0.68 9.44
C PHE B 211 15.07 -0.33 10.50
N GLY B 212 15.12 0.94 10.91
CA GLY B 212 16.08 1.31 11.92
C GLY B 212 15.77 2.52 12.77
N VAL B 213 16.64 2.80 13.72
CA VAL B 213 16.49 3.95 14.61
C VAL B 213 17.65 4.92 14.39
N MSE B 214 17.38 6.07 13.79
CA MSE B 214 18.44 7.05 13.53
C MSE B 214 18.51 8.20 14.54
O MSE B 214 17.51 8.85 14.85
CB MSE B 214 18.29 7.60 12.10
CG MSE B 214 19.41 8.55 11.63
SE MSE B 214 19.10 9.23 9.79
CE MSE B 214 17.44 10.26 10.11
N ASN B 215 19.72 8.44 15.05
CA ASN B 215 19.94 9.55 15.97
C ASN B 215 20.53 10.71 15.18
N VAL B 216 20.09 11.91 15.52
CA VAL B 216 20.57 13.12 14.85
C VAL B 216 20.88 14.12 15.95
N GLY B 217 22.16 14.32 16.25
CA GLY B 217 22.52 15.25 17.30
C GLY B 217 23.89 15.87 17.14
N PHE B 218 24.49 16.26 18.27
CA PHE B 218 25.82 16.88 18.28
C PHE B 218 25.73 18.35 17.81
N ASN B 227 28.69 20.58 12.83
CA ASN B 227 28.05 19.74 11.82
C ASN B 227 27.13 18.73 12.52
N VAL B 228 25.99 18.44 11.90
CA VAL B 228 25.05 17.49 12.49
C VAL B 228 25.45 16.04 12.15
N LYS B 229 25.40 15.14 13.12
CA LYS B 229 25.76 13.74 12.89
C LYS B 229 24.56 12.80 12.66
N TYR B 230 24.71 11.83 11.76
CA TYR B 230 23.62 10.88 11.47
C TYR B 230 23.99 9.42 11.76
N GLU B 231 23.47 8.88 12.84
CA GLU B 231 23.76 7.50 13.24
C GLU B 231 22.52 6.64 13.26
N VAL B 232 22.61 5.45 12.68
CA VAL B 232 21.46 4.56 12.61
C VAL B 232 21.74 3.18 13.13
N TYR B 233 20.84 2.69 13.98
CA TYR B 233 20.93 1.33 14.52
C TYR B 233 19.94 0.54 13.66
N ILE B 234 20.44 -0.45 12.92
CA ILE B 234 19.58 -1.25 12.03
C ILE B 234 19.02 -2.50 12.73
N LEU B 235 17.71 -2.68 12.68
CA LEU B 235 17.00 -3.80 13.31
C LEU B 235 17.01 -5.15 12.56
N ASP B 236 17.31 -6.23 13.29
CA ASP B 236 17.33 -7.56 12.69
C ASP B 236 18.33 -7.61 11.57
N PHE B 237 19.55 -7.18 11.87
CA PHE B 237 20.62 -7.16 10.88
C PHE B 237 21.97 -7.30 11.56
N GLU B 238 22.84 -8.10 10.97
CA GLU B 238 24.18 -8.31 11.51
C GLU B 238 25.17 -8.07 10.37
N GLY B 239 26.31 -7.48 10.71
CA GLY B 239 27.32 -7.20 9.71
C GLY B 239 27.79 -5.76 9.75
N ASP B 240 28.96 -5.52 9.16
CA ASP B 240 29.55 -4.19 9.09
C ASP B 240 29.31 -3.60 7.71
N LEU B 241 29.10 -2.30 7.66
CA LEU B 241 28.84 -1.63 6.40
C LEU B 241 29.91 -0.57 6.21
N TYR B 242 31.05 -0.80 6.85
CA TYR B 242 32.17 0.12 6.83
C TYR B 242 32.30 0.99 5.56
N GLY B 243 32.73 0.44 4.43
CA GLY B 243 32.89 1.32 3.28
C GLY B 243 31.76 1.42 2.29
N GLN B 244 30.57 0.98 2.67
CA GLN B 244 29.45 0.99 1.75
C GLN B 244 28.53 2.20 1.81
N ARG B 245 27.71 2.31 0.76
CA ARG B 245 26.76 3.41 0.62
C ARG B 245 25.36 2.99 1.06
N LEU B 246 24.70 3.82 1.87
CA LEU B 246 23.35 3.53 2.35
C LEU B 246 22.33 4.57 1.88
N LYS B 247 21.07 4.16 1.76
CA LYS B 247 20.00 5.06 1.39
C LYS B 247 18.95 4.95 2.50
N LEU B 248 18.68 6.03 3.23
CA LEU B 248 17.68 5.96 4.30
C LEU B 248 16.41 6.75 4.01
N GLU B 249 15.25 6.11 4.12
CA GLU B 249 13.99 6.80 3.93
C GLU B 249 13.57 7.17 5.36
N VAL B 250 13.40 8.46 5.66
CA VAL B 250 13.03 8.85 7.03
C VAL B 250 11.51 8.90 7.13
N LEU B 251 10.97 7.96 7.88
CA LEU B 251 9.52 7.81 8.01
C LEU B 251 8.79 8.63 9.05
N LYS B 252 9.29 8.57 10.28
CA LYS B 252 8.63 9.28 11.35
C LYS B 252 9.55 9.80 12.43
N PHE B 253 9.10 10.90 13.05
CA PHE B 253 9.83 11.53 14.14
C PHE B 253 9.40 10.77 15.39
N MSE B 254 10.36 10.32 16.18
CA MSE B 254 10.05 9.57 17.40
C MSE B 254 10.09 10.44 18.66
O MSE B 254 9.11 10.49 19.39
CB MSE B 254 11.01 8.38 17.52
CG MSE B 254 10.74 7.27 16.49
SE MSE B 254 12.17 5.90 16.37
CE MSE B 254 12.08 5.25 18.22
N ARG B 255 11.20 11.11 18.92
CA ARG B 255 11.32 11.98 20.09
C ARG B 255 12.45 12.99 19.89
N ASP B 256 12.47 14.01 20.75
CA ASP B 256 13.48 15.04 20.72
C ASP B 256 14.75 14.54 21.40
N GLU B 257 15.87 15.24 21.18
CA GLU B 257 17.10 14.84 21.83
C GLU B 257 16.97 15.17 23.31
N LYS B 258 17.64 14.39 24.13
CA LYS B 258 17.57 14.56 25.58
C LYS B 258 18.83 13.94 26.19
N LYS B 259 19.57 14.76 26.93
CA LYS B 259 20.81 14.33 27.57
C LYS B 259 20.56 13.40 28.76
N PHE B 260 21.36 12.34 28.85
CA PHE B 260 21.21 11.38 29.93
C PHE B 260 22.28 11.57 31.02
N ASP B 261 21.81 11.73 32.26
CA ASP B 261 22.69 11.93 33.40
C ASP B 261 23.00 10.57 34.06
N SER B 262 23.58 9.66 33.26
CA SER B 262 23.96 8.32 33.70
C SER B 262 24.02 7.40 32.48
N ILE B 263 24.82 6.32 32.57
CA ILE B 263 24.91 5.37 31.48
C ILE B 263 23.65 4.53 31.60
N GLU B 264 23.20 4.37 32.84
CA GLU B 264 22.01 3.61 33.21
C GLU B 264 20.79 3.96 32.37
N GLU B 265 20.42 5.24 32.37
CA GLU B 265 19.25 5.68 31.62
C GLU B 265 19.51 5.84 30.12
N LEU B 266 20.64 5.32 29.64
CA LEU B 266 20.97 5.39 28.23
C LEU B 266 20.68 4.01 27.63
N LYS B 267 20.87 2.99 28.45
CA LYS B 267 20.63 1.61 28.06
C LYS B 267 19.11 1.42 28.02
N ALA B 268 18.43 2.11 28.92
CA ALA B 268 16.97 2.04 29.02
C ALA B 268 16.22 2.80 27.93
N ALA B 269 16.60 4.06 27.72
CA ALA B 269 15.93 4.89 26.70
C ALA B 269 16.19 4.34 25.30
N ILE B 270 17.36 3.76 25.10
CA ILE B 270 17.66 3.17 23.80
C ILE B 270 16.87 1.87 23.74
N ASP B 271 16.71 1.24 24.90
CA ASP B 271 15.97 0.00 24.98
C ASP B 271 14.50 0.29 24.64
N GLN B 272 13.98 1.41 25.13
CA GLN B 272 12.60 1.80 24.86
C GLN B 272 12.42 2.21 23.41
N ASP B 273 13.36 3.03 22.93
CA ASP B 273 13.33 3.51 21.56
C ASP B 273 13.10 2.38 20.54
N VAL B 274 13.89 1.31 20.62
CA VAL B 274 13.70 0.22 19.66
C VAL B 274 12.37 -0.47 19.87
N LYS B 275 11.88 -0.49 21.10
CA LYS B 275 10.59 -1.12 21.42
C LYS B 275 9.47 -0.24 20.89
N SER B 276 9.77 1.03 20.73
CA SER B 276 8.81 1.98 20.22
C SER B 276 8.83 1.92 18.69
N ALA B 277 9.99 1.59 18.13
CA ALA B 277 10.13 1.52 16.68
C ALA B 277 9.34 0.34 16.16
N ARG B 278 9.54 -0.79 16.81
CA ARG B 278 8.84 -2.00 16.44
C ARG B 278 7.34 -1.71 16.48
N ASN B 279 6.87 -0.98 17.50
CA ASN B 279 5.45 -0.68 17.50
C ASN B 279 5.10 0.16 16.29
N MSE B 280 5.74 1.33 16.17
CA MSE B 280 5.48 2.22 15.05
C MSE B 280 5.52 1.48 13.71
O MSE B 280 4.72 1.75 12.81
CB MSE B 280 6.49 3.36 15.05
CG MSE B 280 6.32 4.29 16.25
SE MSE B 280 7.66 5.65 16.33
CE MSE B 280 6.92 6.77 14.92
N ILE B 281 6.46 0.56 13.58
CA ILE B 281 6.61 -0.22 12.37
C ILE B 281 5.39 -1.09 12.09
N ASP B 282 4.81 -1.65 13.15
CA ASP B 282 3.64 -2.48 12.99
C ASP B 282 2.50 -1.63 12.45
N ASP B 283 2.27 -0.48 13.06
CA ASP B 283 1.21 0.42 12.62
C ASP B 283 1.36 0.80 11.16
N ILE B 284 2.60 1.05 10.73
CA ILE B 284 2.84 1.40 9.34
C ILE B 284 2.50 0.21 8.45
N ILE B 285 3.09 -0.95 8.73
CA ILE B 285 2.81 -2.12 7.93
C ILE B 285 1.29 -2.34 7.91
N ASN B 286 0.65 -2.22 9.07
CA ASN B 286 -0.80 -2.40 9.14
C ASN B 286 -1.50 -1.46 8.16
N SER B 287 -1.32 -0.15 8.33
CA SER B 287 -1.95 0.82 7.44
C SER B 287 -1.85 0.41 5.98
N LYS B 288 -0.77 -0.28 5.62
CA LYS B 288 -0.55 -0.70 4.24
C LYS B 288 -1.47 -1.84 3.84
N PHE B 289 -1.96 -2.59 4.81
CA PHE B 289 -2.86 -3.69 4.51
C PHE B 289 -4.32 -3.25 4.44
#